data_2K10
#
_entry.id   2K10
#
_entity_poly.entity_id   1
_entity_poly.type   'polypeptide(L)'
_entity_poly.pdbx_seq_one_letter_code
;GILSSFKGVAKGVAKDLAGKLLETLKCKITGC
;
_entity_poly.pdbx_strand_id   A
#
# COMPACT_ATOMS: atom_id res chain seq x y z
N GLY A 1 18.53 6.44 -3.84
CA GLY A 1 18.45 5.59 -5.02
C GLY A 1 17.02 5.42 -5.45
N ILE A 2 16.78 4.97 -6.70
CA ILE A 2 15.41 4.71 -7.13
C ILE A 2 15.07 3.34 -6.57
N LEU A 3 15.86 2.30 -6.91
CA LEU A 3 15.58 0.98 -6.34
C LEU A 3 15.34 1.02 -4.85
N SER A 4 16.05 1.89 -4.08
CA SER A 4 15.82 1.93 -2.64
C SER A 4 14.40 2.42 -2.40
N SER A 5 14.00 3.53 -3.06
CA SER A 5 12.65 4.03 -2.88
C SER A 5 11.62 2.99 -3.27
N PHE A 6 11.83 2.29 -4.41
CA PHE A 6 10.83 1.32 -4.86
C PHE A 6 10.81 0.18 -3.88
N LYS A 7 11.91 -0.59 -3.70
CA LYS A 7 11.83 -1.74 -2.80
C LYS A 7 11.31 -1.29 -1.45
N GLY A 8 11.62 -0.07 -0.98
CA GLY A 8 11.09 0.37 0.31
C GLY A 8 9.58 0.49 0.25
N VAL A 9 9.03 1.17 -0.78
CA VAL A 9 7.59 1.42 -0.85
C VAL A 9 6.91 0.38 -1.72
N ALA A 10 7.32 0.27 -3.01
CA ALA A 10 6.63 -0.62 -3.94
C ALA A 10 6.51 -2.05 -3.46
N LYS A 11 7.48 -2.59 -2.66
CA LYS A 11 7.43 -4.01 -2.33
C LYS A 11 6.07 -4.48 -1.85
N GLY A 12 5.33 -3.69 -1.02
CA GLY A 12 4.03 -4.14 -0.51
C GLY A 12 2.90 -3.43 -1.20
N VAL A 13 3.06 -3.06 -2.50
CA VAL A 13 2.00 -2.31 -3.19
C VAL A 13 0.81 -3.20 -3.47
N ALA A 14 1.01 -4.51 -3.80
CA ALA A 14 -0.12 -5.35 -4.18
C ALA A 14 -1.31 -5.14 -3.27
N LYS A 15 -1.11 -5.22 -1.94
CA LYS A 15 -2.23 -5.03 -1.01
C LYS A 15 -2.40 -3.56 -0.68
N ASP A 16 -1.29 -2.84 -0.37
CA ASP A 16 -1.43 -1.49 0.16
C ASP A 16 -2.02 -0.53 -0.85
N LEU A 17 -1.85 -0.75 -2.18
CA LEU A 17 -2.45 0.17 -3.16
C LEU A 17 -3.91 0.31 -2.83
N ALA A 18 -4.61 -0.85 -2.70
CA ALA A 18 -6.03 -0.81 -2.36
C ALA A 18 -6.18 -0.11 -1.03
N GLY A 19 -5.29 -0.38 -0.05
CA GLY A 19 -5.35 0.36 1.21
C GLY A 19 -5.42 1.85 1.01
N LYS A 20 -4.67 2.44 0.05
CA LYS A 20 -4.74 3.90 -0.14
C LYS A 20 -6.03 4.27 -0.82
N LEU A 21 -6.26 3.76 -2.06
CA LEU A 21 -7.42 4.24 -2.83
C LEU A 21 -8.69 3.91 -2.09
N LEU A 22 -8.78 2.69 -1.52
CA LEU A 22 -9.97 2.28 -0.79
C LEU A 22 -9.71 2.38 0.70
N GLU A 23 -9.09 3.47 1.18
CA GLU A 23 -8.91 3.62 2.62
C GLU A 23 -10.28 3.68 3.26
N THR A 24 -11.20 4.48 2.66
CA THR A 24 -12.56 4.59 3.20
C THR A 24 -13.19 3.27 3.58
N LEU A 25 -12.87 2.14 2.90
CA LEU A 25 -13.53 0.86 3.18
C LEU A 25 -12.55 -0.28 3.41
N LYS A 26 -11.47 -0.48 2.62
CA LYS A 26 -10.55 -1.58 2.93
C LYS A 26 -9.97 -1.36 4.30
N CYS A 27 -9.25 -0.25 4.54
CA CYS A 27 -8.60 -0.07 5.84
C CYS A 27 -9.59 -0.25 6.97
N LYS A 28 -10.85 0.21 6.83
CA LYS A 28 -11.82 -0.03 7.90
C LYS A 28 -12.04 -1.52 8.01
N ILE A 29 -12.21 -2.25 6.88
CA ILE A 29 -12.47 -3.69 6.95
C ILE A 29 -11.22 -4.40 7.41
N THR A 30 -10.15 -4.46 6.59
CA THR A 30 -8.98 -5.26 6.97
C THR A 30 -8.27 -4.73 8.20
N GLY A 31 -8.29 -3.39 8.46
CA GLY A 31 -7.47 -2.86 9.54
C GLY A 31 -6.07 -2.75 8.97
N CYS A 32 -5.82 -1.74 8.11
CA CYS A 32 -4.53 -1.65 7.42
C CYS A 32 -3.52 -1.04 8.35
N GLY A 1 18.10 6.67 -3.42
CA GLY A 1 18.17 5.79 -4.58
C GLY A 1 16.78 5.55 -5.11
N ILE A 2 16.66 5.13 -6.39
CA ILE A 2 15.33 4.83 -6.94
C ILE A 2 14.98 3.45 -6.46
N LEU A 3 15.82 2.42 -6.74
CA LEU A 3 15.50 1.07 -6.30
C LEU A 3 15.24 1.06 -4.81
N SER A 4 15.93 1.90 -4.01
CA SER A 4 15.66 1.92 -2.57
C SER A 4 14.25 2.38 -2.35
N SER A 5 13.85 3.53 -2.95
CA SER A 5 12.49 4.03 -2.77
C SER A 5 11.49 2.98 -3.19
N PHE A 6 11.71 2.30 -4.33
CA PHE A 6 10.73 1.31 -4.81
C PHE A 6 10.70 0.16 -3.83
N LYS A 7 11.80 -0.62 -3.66
CA LYS A 7 11.70 -1.79 -2.79
C LYS A 7 11.19 -1.38 -1.42
N GLY A 8 11.50 -0.16 -0.95
CA GLY A 8 10.96 0.27 0.34
C GLY A 8 9.45 0.35 0.30
N VAL A 9 8.87 1.04 -0.71
CA VAL A 9 7.42 1.25 -0.75
C VAL A 9 6.77 0.23 -1.68
N ALA A 10 7.18 0.19 -2.97
CA ALA A 10 6.52 -0.68 -3.94
C ALA A 10 6.41 -2.11 -3.49
N LYS A 11 7.35 -2.66 -2.68
CA LYS A 11 7.27 -4.08 -2.34
C LYS A 11 5.89 -4.52 -1.89
N GLY A 12 5.15 -3.70 -1.11
CA GLY A 12 3.81 -4.10 -0.64
C GLY A 12 2.72 -3.38 -1.40
N VAL A 13 2.92 -3.07 -2.70
CA VAL A 13 1.90 -2.32 -3.44
C VAL A 13 0.66 -3.16 -3.64
N ALA A 14 0.77 -4.46 -3.99
CA ALA A 14 -0.43 -5.21 -4.37
C ALA A 14 -1.57 -5.00 -3.40
N LYS A 15 -1.36 -5.26 -2.09
CA LYS A 15 -2.44 -5.08 -1.12
C LYS A 15 -2.61 -3.62 -0.78
N ASP A 16 -1.50 -2.91 -0.43
CA ASP A 16 -1.64 -1.57 0.12
C ASP A 16 -2.19 -0.58 -0.87
N LEU A 17 -2.10 -0.82 -2.21
CA LEU A 17 -2.62 0.17 -3.17
C LEU A 17 -4.07 0.43 -2.82
N ALA A 18 -4.88 -0.64 -2.70
CA ALA A 18 -6.28 -0.45 -2.29
C ALA A 18 -6.31 0.22 -0.93
N GLY A 19 -5.40 -0.15 0.00
CA GLY A 19 -5.34 0.56 1.27
C GLY A 19 -5.31 2.07 1.09
N LYS A 20 -4.68 2.63 0.03
CA LYS A 20 -4.71 4.08 -0.16
C LYS A 20 -5.99 4.48 -0.86
N LEU A 21 -6.27 3.98 -2.08
CA LEU A 21 -7.41 4.49 -2.85
C LEU A 21 -8.69 4.15 -2.13
N LEU A 22 -8.84 2.86 -1.71
CA LEU A 22 -10.03 2.44 -1.00
C LEU A 22 -9.74 2.45 0.48
N GLU A 23 -9.15 3.55 1.03
CA GLU A 23 -8.91 3.59 2.46
C GLU A 23 -10.24 3.55 3.16
N THR A 24 -11.21 4.38 2.69
CA THR A 24 -12.54 4.42 3.32
C THR A 24 -13.11 3.07 3.64
N LEU A 25 -12.82 2.00 2.85
CA LEU A 25 -13.42 0.69 3.10
C LEU A 25 -12.40 -0.43 3.16
N LYS A 26 -11.42 -0.55 2.24
CA LYS A 26 -10.48 -1.66 2.33
C LYS A 26 -9.73 -1.55 3.63
N CYS A 27 -9.12 -0.38 3.92
CA CYS A 27 -8.29 -0.28 5.11
C CYS A 27 -9.11 -0.57 6.35
N LYS A 28 -10.37 -0.09 6.42
CA LYS A 28 -11.19 -0.40 7.60
C LYS A 28 -11.43 -1.89 7.66
N ILE A 29 -11.80 -2.52 6.52
CA ILE A 29 -12.14 -3.95 6.55
C ILE A 29 -10.92 -4.74 6.98
N THR A 30 -9.82 -4.73 6.20
CA THR A 30 -8.65 -5.53 6.58
C THR A 30 -7.99 -5.00 7.83
N GLY A 31 -8.15 -3.71 8.17
CA GLY A 31 -7.42 -3.15 9.31
C GLY A 31 -6.00 -2.86 8.86
N CYS A 32 -5.83 -2.05 7.79
CA CYS A 32 -4.48 -1.78 7.29
C CYS A 32 -3.72 -0.95 8.28
N GLY A 1 18.27 6.80 -3.51
CA GLY A 1 18.27 5.87 -4.62
C GLY A 1 16.87 5.61 -5.09
N ILE A 2 16.70 5.11 -6.34
CA ILE A 2 15.35 4.80 -6.83
C ILE A 2 15.01 3.42 -6.31
N LEU A 3 15.85 2.39 -6.55
CA LEU A 3 15.54 1.07 -6.02
C LEU A 3 15.33 1.17 -4.52
N SER A 4 16.17 1.92 -3.80
CA SER A 4 15.97 2.03 -2.35
C SER A 4 14.56 2.48 -2.07
N SER A 5 14.08 3.54 -2.77
CA SER A 5 12.72 4.01 -2.54
C SER A 5 11.70 2.97 -2.93
N PHE A 6 11.87 2.29 -4.09
CA PHE A 6 10.85 1.34 -4.54
C PHE A 6 10.82 0.17 -3.58
N LYS A 7 11.93 -0.56 -3.38
CA LYS A 7 11.87 -1.69 -2.45
C LYS A 7 11.38 -1.19 -1.11
N GLY A 8 11.74 0.04 -0.68
CA GLY A 8 11.25 0.55 0.60
C GLY A 8 9.74 0.63 0.60
N VAL A 9 9.15 1.22 -0.46
CA VAL A 9 7.70 1.48 -0.48
C VAL A 9 6.98 0.44 -1.30
N ALA A 10 7.32 0.31 -2.61
CA ALA A 10 6.56 -0.54 -3.51
C ALA A 10 6.65 -2.03 -3.21
N LYS A 11 7.55 -2.53 -2.32
CA LYS A 11 7.64 -3.99 -2.14
C LYS A 11 6.28 -4.61 -1.91
N GLY A 12 5.38 -3.96 -1.14
CA GLY A 12 4.06 -4.54 -0.87
C GLY A 12 2.98 -3.71 -1.53
N VAL A 13 3.22 -3.25 -2.77
CA VAL A 13 2.22 -2.42 -3.45
C VAL A 13 0.97 -3.24 -3.70
N ALA A 14 1.08 -4.55 -4.03
CA ALA A 14 -0.10 -5.33 -4.41
C ALA A 14 -1.26 -5.08 -3.47
N LYS A 15 -1.09 -5.33 -2.14
CA LYS A 15 -2.21 -5.12 -1.22
C LYS A 15 -2.34 -3.65 -0.91
N ASP A 16 -1.22 -2.98 -0.56
CA ASP A 16 -1.30 -1.60 -0.06
C ASP A 16 -1.97 -0.67 -1.03
N LEU A 17 -1.78 -0.84 -2.36
CA LEU A 17 -2.41 0.08 -3.32
C LEU A 17 -3.88 0.15 -3.01
N ALA A 18 -4.53 -1.03 -2.90
CA ALA A 18 -5.96 -1.06 -2.59
C ALA A 18 -6.19 -0.31 -1.29
N GLY A 19 -5.34 -0.52 -0.26
CA GLY A 19 -5.50 0.25 0.97
C GLY A 19 -5.54 1.74 0.71
N LYS A 20 -4.60 2.28 -0.09
CA LYS A 20 -4.60 3.73 -0.33
C LYS A 20 -5.88 4.15 -1.00
N LEU A 21 -6.15 3.67 -2.24
CA LEU A 21 -7.31 4.17 -2.98
C LEU A 21 -8.58 3.87 -2.23
N LEU A 22 -8.68 2.67 -1.61
CA LEU A 22 -9.90 2.28 -0.91
C LEU A 22 -9.67 2.38 0.58
N GLU A 23 -9.05 3.48 1.07
CA GLU A 23 -8.86 3.63 2.52
C GLU A 23 -10.23 3.67 3.16
N THR A 24 -11.17 4.45 2.59
CA THR A 24 -12.52 4.54 3.16
C THR A 24 -13.14 3.21 3.50
N LEU A 25 -12.78 2.08 2.84
CA LEU A 25 -13.42 0.79 3.11
C LEU A 25 -12.44 -0.36 3.30
N LYS A 26 -11.39 -0.56 2.47
CA LYS A 26 -10.47 -1.67 2.73
C LYS A 26 -9.82 -1.46 4.09
N CYS A 27 -9.10 -0.35 4.30
CA CYS A 27 -8.38 -0.17 5.56
C CYS A 27 -9.30 -0.37 6.74
N LYS A 28 -10.59 0.02 6.65
CA LYS A 28 -11.50 -0.21 7.78
C LYS A 28 -11.76 -1.71 7.87
N ILE A 29 -12.07 -2.38 6.74
CA ILE A 29 -12.41 -3.79 6.79
C ILE A 29 -11.19 -4.57 7.25
N THR A 30 -10.09 -4.60 6.46
CA THR A 30 -8.93 -5.40 6.87
C THR A 30 -8.35 -4.88 8.17
N GLY A 31 -8.43 -3.57 8.46
CA GLY A 31 -7.77 -3.05 9.66
C GLY A 31 -6.29 -3.00 9.33
N CYS A 32 -5.88 -2.09 8.41
CA CYS A 32 -4.48 -2.06 7.99
C CYS A 32 -3.61 -1.73 9.18
N GLY A 1 18.16 6.62 -4.09
CA GLY A 1 18.21 5.76 -5.27
C GLY A 1 16.82 5.46 -5.74
N ILE A 2 16.66 4.97 -7.00
CA ILE A 2 15.34 4.60 -7.48
C ILE A 2 15.00 3.29 -6.82
N LEU A 3 15.85 2.25 -6.95
CA LEU A 3 15.53 0.97 -6.32
C LEU A 3 15.33 1.17 -4.85
N SER A 4 16.08 2.07 -4.17
CA SER A 4 15.87 2.28 -2.74
C SER A 4 14.46 2.79 -2.50
N SER A 5 13.95 3.68 -3.37
CA SER A 5 12.59 4.19 -3.18
C SER A 5 11.58 3.11 -3.46
N PHE A 6 11.76 2.33 -4.56
CA PHE A 6 10.77 1.32 -4.91
C PHE A 6 10.80 0.23 -3.87
N LYS A 7 11.94 -0.44 -3.64
CA LYS A 7 11.97 -1.49 -2.62
C LYS A 7 11.40 -0.98 -1.31
N GLY A 8 11.58 0.32 -0.97
CA GLY A 8 11.00 0.83 0.28
C GLY A 8 9.50 0.83 0.21
N VAL A 9 8.91 1.32 -0.91
CA VAL A 9 7.45 1.48 -1.01
C VAL A 9 6.84 0.33 -1.77
N ALA A 10 7.26 0.10 -3.04
CA ALA A 10 6.65 -0.94 -3.87
C ALA A 10 6.55 -2.27 -3.17
N LYS A 11 7.55 -2.65 -2.34
CA LYS A 11 7.55 -3.98 -1.71
C LYS A 11 6.20 -4.52 -1.28
N GLY A 12 5.28 -3.69 -0.72
CA GLY A 12 4.02 -4.21 -0.22
C GLY A 12 2.86 -3.45 -0.81
N VAL A 13 2.95 -3.10 -2.12
CA VAL A 13 1.90 -2.31 -2.74
C VAL A 13 0.69 -3.16 -3.03
N ALA A 14 0.83 -4.48 -3.34
CA ALA A 14 -0.34 -5.29 -3.70
C ALA A 14 -1.53 -5.02 -2.80
N LYS A 15 -1.36 -5.11 -1.46
CA LYS A 15 -2.49 -4.84 -0.56
C LYS A 15 -2.61 -3.34 -0.35
N ASP A 16 -1.48 -2.68 0.01
CA ASP A 16 -1.57 -1.28 0.44
C ASP A 16 -2.17 -0.36 -0.60
N LEU A 17 -2.05 -0.66 -1.91
CA LEU A 17 -2.61 0.23 -2.93
C LEU A 17 -4.07 0.44 -2.61
N ALA A 18 -4.83 -0.67 -2.43
CA ALA A 18 -6.23 -0.55 -2.07
C ALA A 18 -6.32 0.13 -0.72
N GLY A 19 -5.45 -0.19 0.25
CA GLY A 19 -5.45 0.53 1.51
C GLY A 19 -5.43 2.03 1.32
N LYS A 20 -4.73 2.56 0.29
CA LYS A 20 -4.73 4.01 0.05
C LYS A 20 -5.97 4.40 -0.71
N LEU A 21 -6.13 3.96 -1.98
CA LEU A 21 -7.23 4.48 -2.79
C LEU A 21 -8.55 4.16 -2.13
N LEU A 22 -8.73 2.91 -1.64
CA LEU A 22 -9.96 2.51 -0.99
C LEU A 22 -9.77 2.57 0.51
N GLU A 23 -9.18 3.66 1.06
CA GLU A 23 -9.02 3.73 2.51
C GLU A 23 -10.39 3.72 3.14
N THR A 24 -11.32 4.56 2.62
CA THR A 24 -12.66 4.64 3.20
C THR A 24 -13.30 3.29 3.48
N LEU A 25 -12.96 2.20 2.74
CA LEU A 25 -13.61 0.90 2.96
C LEU A 25 -12.61 -0.23 3.08
N LYS A 26 -11.59 -0.38 2.21
CA LYS A 26 -10.66 -1.52 2.37
C LYS A 26 -9.97 -1.39 3.70
N CYS A 27 -9.31 -0.24 3.97
CA CYS A 27 -8.53 -0.14 5.19
C CYS A 27 -9.38 -0.41 6.40
N LYS A 28 -10.66 0.01 6.41
CA LYS A 28 -11.52 -0.28 7.56
C LYS A 28 -11.74 -1.78 7.62
N ILE A 29 -12.07 -2.42 6.48
CA ILE A 29 -12.38 -3.85 6.50
C ILE A 29 -11.15 -4.62 6.94
N THR A 30 -10.05 -4.61 6.14
CA THR A 30 -8.87 -5.39 6.52
C THR A 30 -8.24 -4.87 7.79
N GLY A 31 -8.42 -3.57 8.14
CA GLY A 31 -7.75 -3.03 9.31
C GLY A 31 -6.32 -2.71 8.94
N CYS A 32 -6.12 -1.88 7.88
CA CYS A 32 -4.75 -1.58 7.44
C CYS A 32 -4.04 -0.74 8.48
N GLY A 1 18.35 6.54 -3.58
CA GLY A 1 18.34 5.83 -4.85
C GLY A 1 16.93 5.52 -5.28
N ILE A 2 16.76 4.97 -6.51
CA ILE A 2 15.41 4.65 -6.98
C ILE A 2 15.00 3.33 -6.38
N LEU A 3 15.84 2.27 -6.44
CA LEU A 3 15.40 0.99 -5.91
C LEU A 3 15.11 1.16 -4.43
N SER A 4 16.04 1.76 -3.65
CA SER A 4 15.78 1.94 -2.22
C SER A 4 14.39 2.50 -1.99
N SER A 5 13.98 3.49 -2.81
CA SER A 5 12.64 4.07 -2.65
C SER A 5 11.59 3.05 -3.05
N PHE A 6 11.73 2.39 -4.22
CA PHE A 6 10.71 1.45 -4.66
C PHE A 6 10.66 0.30 -3.68
N LYS A 7 11.73 -0.52 -3.54
CA LYS A 7 11.62 -1.65 -2.61
C LYS A 7 11.14 -1.14 -1.27
N GLY A 8 11.59 0.04 -0.80
CA GLY A 8 11.13 0.52 0.50
C GLY A 8 9.62 0.64 0.53
N VAL A 9 9.03 1.30 -0.50
CA VAL A 9 7.58 1.55 -0.51
C VAL A 9 6.87 0.47 -1.29
N ALA A 10 7.20 0.30 -2.60
CA ALA A 10 6.46 -0.62 -3.45
C ALA A 10 6.47 -2.06 -3.00
N LYS A 11 7.42 -2.54 -2.15
CA LYS A 11 7.46 -3.97 -1.84
C LYS A 11 6.09 -4.54 -1.50
N GLY A 12 5.23 -3.80 -0.77
CA GLY A 12 3.90 -4.34 -0.41
C GLY A 12 2.81 -3.58 -1.11
N VAL A 13 3.02 -3.22 -2.40
CA VAL A 13 2.01 -2.44 -3.11
C VAL A 13 0.77 -3.28 -3.35
N ALA A 14 0.90 -4.60 -3.64
CA ALA A 14 -0.26 -5.40 -3.99
C ALA A 14 -1.44 -5.11 -3.08
N LYS A 15 -1.24 -5.19 -1.74
CA LYS A 15 -2.33 -4.91 -0.81
C LYS A 15 -2.46 -3.42 -0.57
N ASP A 16 -1.33 -2.73 -0.29
CA ASP A 16 -1.42 -1.36 0.20
C ASP A 16 -2.00 -0.41 -0.84
N LEU A 17 -1.84 -0.68 -2.16
CA LEU A 17 -2.42 0.21 -3.16
C LEU A 17 -3.88 0.40 -2.83
N ALA A 18 -4.61 -0.72 -2.66
CA ALA A 18 -6.03 -0.62 -2.31
C ALA A 18 -6.15 0.05 -0.97
N GLY A 19 -5.26 -0.25 0.00
CA GLY A 19 -5.29 0.47 1.27
C GLY A 19 -5.36 1.97 1.08
N LYS A 20 -4.69 2.55 0.05
CA LYS A 20 -4.79 4.00 -0.16
C LYS A 20 -6.07 4.33 -0.91
N LEU A 21 -6.25 3.80 -2.13
CA LEU A 21 -7.37 4.25 -2.96
C LEU A 21 -8.67 3.91 -2.26
N LEU A 22 -8.78 2.68 -1.73
CA LEU A 22 -9.98 2.27 -1.01
C LEU A 22 -9.73 2.37 0.48
N GLU A 23 -9.15 3.50 0.96
CA GLU A 23 -8.95 3.66 2.40
C GLU A 23 -10.31 3.69 3.06
N THR A 24 -11.25 4.49 2.52
CA THR A 24 -12.59 4.60 3.11
C THR A 24 -13.22 3.27 3.46
N LEU A 25 -12.89 2.15 2.77
CA LEU A 25 -13.55 0.87 3.06
C LEU A 25 -12.58 -0.27 3.26
N LYS A 26 -11.54 -0.50 2.41
CA LYS A 26 -10.63 -1.62 2.67
C LYS A 26 -9.90 -1.36 3.96
N CYS A 27 -9.20 -0.21 4.09
CA CYS A 27 -8.40 0.00 5.30
C CYS A 27 -9.24 -0.20 6.54
N LYS A 28 -10.52 0.20 6.54
CA LYS A 28 -11.37 -0.05 7.70
C LYS A 28 -11.55 -1.55 7.85
N ILE A 29 -11.89 -2.26 6.75
CA ILE A 29 -12.15 -3.70 6.86
C ILE A 29 -10.89 -4.41 7.27
N THR A 30 -9.83 -4.44 6.43
CA THR A 30 -8.62 -5.17 6.79
C THR A 30 -7.94 -4.58 8.02
N GLY A 31 -8.13 -3.28 8.32
CA GLY A 31 -7.43 -2.68 9.45
C GLY A 31 -6.01 -2.37 9.01
N CYS A 32 -5.85 -1.57 7.94
CA CYS A 32 -4.52 -1.26 7.43
C CYS A 32 -3.76 -0.41 8.42
N GLY A 1 18.30 6.70 -3.33
CA GLY A 1 18.31 6.00 -4.60
C GLY A 1 16.90 5.70 -5.06
N ILE A 2 16.74 5.18 -6.29
CA ILE A 2 15.40 4.84 -6.79
C ILE A 2 15.01 3.50 -6.22
N LEU A 3 15.87 2.46 -6.33
CA LEU A 3 15.49 1.15 -5.81
C LEU A 3 15.18 1.29 -4.33
N SER A 4 16.05 1.95 -3.53
CA SER A 4 15.75 2.07 -2.10
C SER A 4 14.33 2.54 -1.90
N SER A 5 13.87 3.54 -2.70
CA SER A 5 12.50 4.02 -2.55
C SER A 5 11.51 2.95 -2.98
N PHE A 6 11.71 2.31 -4.16
CA PHE A 6 10.75 1.31 -4.62
C PHE A 6 10.72 0.16 -3.64
N LYS A 7 11.84 -0.58 -3.44
CA LYS A 7 11.79 -1.70 -2.51
C LYS A 7 11.25 -1.24 -1.17
N GLY A 8 11.54 0.00 -0.72
CA GLY A 8 10.99 0.46 0.55
C GLY A 8 9.49 0.55 0.49
N VAL A 9 8.92 1.13 -0.60
CA VAL A 9 7.48 1.38 -0.67
C VAL A 9 6.80 0.36 -1.55
N ALA A 10 7.18 0.26 -2.84
CA ALA A 10 6.48 -0.61 -3.77
C ALA A 10 6.44 -2.06 -3.35
N LYS A 11 7.41 -2.57 -2.55
CA LYS A 11 7.42 -4.00 -2.23
C LYS A 11 6.06 -4.55 -1.87
N GLY A 12 5.22 -3.82 -1.10
CA GLY A 12 3.91 -4.35 -0.68
C GLY A 12 2.79 -3.59 -1.36
N VAL A 13 2.95 -3.20 -2.63
CA VAL A 13 1.93 -2.41 -3.31
C VAL A 13 0.68 -3.24 -3.51
N ALA A 14 0.77 -4.57 -3.77
CA ALA A 14 -0.42 -5.35 -4.10
C ALA A 14 -1.60 -5.00 -3.20
N LYS A 15 -1.48 -5.17 -1.87
CA LYS A 15 -2.58 -4.79 -0.98
C LYS A 15 -2.57 -3.31 -0.72
N ASP A 16 -1.40 -2.72 -0.41
CA ASP A 16 -1.39 -1.33 0.07
C ASP A 16 -2.03 -0.40 -0.93
N LEU A 17 -1.91 -0.65 -2.26
CA LEU A 17 -2.56 0.22 -3.24
C LEU A 17 -4.01 0.40 -2.86
N ALA A 18 -4.72 -0.74 -2.66
CA ALA A 18 -6.13 -0.65 -2.23
C ALA A 18 -6.18 0.07 -0.91
N GLY A 19 -5.24 -0.20 0.02
CA GLY A 19 -5.20 0.56 1.26
C GLY A 19 -5.26 2.05 1.02
N LYS A 20 -4.61 2.61 -0.03
CA LYS A 20 -4.69 4.06 -0.26
C LYS A 20 -5.99 4.40 -0.96
N LEU A 21 -6.24 3.86 -2.17
CA LEU A 21 -7.38 4.33 -2.95
C LEU A 21 -8.66 3.96 -2.25
N LEU A 22 -8.74 2.72 -1.73
CA LEU A 22 -9.94 2.27 -1.01
C LEU A 22 -9.68 2.37 0.47
N GLU A 23 -9.12 3.50 0.96
CA GLU A 23 -8.90 3.64 2.40
C GLU A 23 -10.23 3.70 3.10
N THR A 24 -11.25 4.37 2.51
CA THR A 24 -12.56 4.46 3.16
C THR A 24 -13.15 3.10 3.48
N LEU A 25 -12.74 2.00 2.80
CA LEU A 25 -13.39 0.70 3.02
C LEU A 25 -12.41 -0.46 3.11
N LYS A 26 -11.41 -0.62 2.20
CA LYS A 26 -10.48 -1.74 2.36
C LYS A 26 -9.76 -1.57 3.67
N CYS A 27 -9.15 -0.39 3.91
CA CYS A 27 -8.34 -0.23 5.12
C CYS A 27 -9.19 -0.44 6.35
N LYS A 28 -10.45 0.06 6.39
CA LYS A 28 -11.28 -0.19 7.57
C LYS A 28 -11.50 -1.68 7.72
N ILE A 29 -11.83 -2.40 6.62
CA ILE A 29 -12.15 -3.83 6.74
C ILE A 29 -10.93 -4.56 7.25
N THR A 30 -9.81 -4.61 6.48
CA THR A 30 -8.64 -5.36 6.94
C THR A 30 -8.00 -4.72 8.16
N GLY A 31 -8.21 -3.41 8.41
CA GLY A 31 -7.51 -2.76 9.52
C GLY A 31 -6.09 -2.49 9.09
N CYS A 32 -5.89 -1.79 7.94
CA CYS A 32 -4.54 -1.55 7.45
C CYS A 32 -3.80 -0.66 8.41
N GLY A 1 18.40 6.71 -3.68
CA GLY A 1 18.41 6.00 -4.94
C GLY A 1 17.01 5.65 -5.36
N ILE A 2 16.81 5.19 -6.61
CA ILE A 2 15.47 4.81 -7.06
C ILE A 2 15.14 3.49 -6.41
N LEU A 3 15.99 2.45 -6.56
CA LEU A 3 15.64 1.15 -6.00
C LEU A 3 15.47 1.26 -4.51
N SER A 4 16.42 1.88 -3.77
CA SER A 4 16.27 1.95 -2.30
C SER A 4 14.88 2.40 -1.93
N SER A 5 14.33 3.42 -2.63
CA SER A 5 12.97 3.87 -2.32
C SER A 5 11.97 2.85 -2.82
N PHE A 6 12.12 2.34 -4.07
CA PHE A 6 11.09 1.48 -4.63
C PHE A 6 10.98 0.21 -3.80
N LYS A 7 12.10 -0.49 -3.54
CA LYS A 7 12.06 -1.66 -2.67
C LYS A 7 11.68 -1.27 -1.25
N GLY A 8 11.91 -0.02 -0.80
CA GLY A 8 11.46 0.39 0.53
C GLY A 8 10.04 0.92 0.55
N VAL A 9 9.29 0.94 -0.57
CA VAL A 9 7.94 1.51 -0.59
C VAL A 9 7.02 0.67 -1.45
N ALA A 10 7.33 0.46 -2.76
CA ALA A 10 6.46 -0.37 -3.60
C ALA A 10 6.40 -1.81 -3.15
N LYS A 11 7.40 -2.33 -2.39
CA LYS A 11 7.41 -3.76 -2.05
C LYS A 11 6.06 -4.39 -1.76
N GLY A 12 5.15 -3.72 -1.01
CA GLY A 12 3.84 -4.32 -0.69
C GLY A 12 2.74 -3.54 -1.36
N VAL A 13 2.96 -3.08 -2.61
CA VAL A 13 1.96 -2.27 -3.29
C VAL A 13 0.71 -3.08 -3.56
N ALA A 14 0.82 -4.36 -3.96
CA ALA A 14 -0.36 -5.11 -4.39
C ALA A 14 -1.57 -4.85 -3.51
N LYS A 15 -1.50 -5.14 -2.20
CA LYS A 15 -2.65 -4.91 -1.32
C LYS A 15 -2.67 -3.48 -0.85
N ASP A 16 -1.53 -2.92 -0.39
CA ASP A 16 -1.55 -1.59 0.21
C ASP A 16 -2.08 -0.54 -0.74
N LEU A 17 -1.98 -0.72 -2.08
CA LEU A 17 -2.51 0.28 -3.00
C LEU A 17 -3.97 0.49 -2.65
N ALA A 18 -4.76 -0.60 -2.56
CA ALA A 18 -6.16 -0.47 -2.15
C ALA A 18 -6.20 0.20 -0.79
N GLY A 19 -5.30 -0.17 0.15
CA GLY A 19 -5.26 0.55 1.43
C GLY A 19 -5.28 2.05 1.26
N LYS A 20 -4.65 2.62 0.20
CA LYS A 20 -4.70 4.07 0.00
C LYS A 20 -5.97 4.45 -0.75
N LEU A 21 -6.15 4.01 -2.02
CA LEU A 21 -7.27 4.50 -2.81
C LEU A 21 -8.56 4.12 -2.12
N LEU A 22 -8.68 2.85 -1.69
CA LEU A 22 -9.89 2.40 -0.99
C LEU A 22 -9.62 2.43 0.50
N GLU A 23 -9.07 3.54 1.04
CA GLU A 23 -8.89 3.63 2.48
C GLU A 23 -10.26 3.60 3.11
N THR A 24 -11.20 4.40 2.57
CA THR A 24 -12.56 4.46 3.13
C THR A 24 -13.16 3.10 3.45
N LEU A 25 -12.78 2.00 2.75
CA LEU A 25 -13.37 0.69 3.02
C LEU A 25 -12.34 -0.42 3.12
N LYS A 26 -11.34 -0.56 2.22
CA LYS A 26 -10.41 -1.68 2.34
C LYS A 26 -9.67 -1.55 3.65
N CYS A 27 -9.05 -0.38 3.92
CA CYS A 27 -8.24 -0.25 5.12
C CYS A 27 -9.08 -0.54 6.35
N LYS A 28 -10.36 -0.13 6.39
CA LYS A 28 -11.18 -0.43 7.56
C LYS A 28 -11.38 -1.93 7.63
N ILE A 29 -11.69 -2.59 6.50
CA ILE A 29 -11.99 -4.02 6.52
C ILE A 29 -10.75 -4.77 7.00
N THR A 30 -9.63 -4.75 6.23
CA THR A 30 -8.45 -5.48 6.67
C THR A 30 -7.85 -4.90 7.93
N GLY A 31 -8.07 -3.59 8.23
CA GLY A 31 -7.41 -2.98 9.38
C GLY A 31 -5.99 -2.65 8.99
N CYS A 32 -5.79 -1.86 7.90
CA CYS A 32 -4.44 -1.56 7.44
C CYS A 32 -3.73 -0.74 8.48
N GLY A 1 18.38 6.22 -3.64
CA GLY A 1 18.40 5.45 -4.88
C GLY A 1 16.98 5.24 -5.37
N ILE A 2 16.80 4.82 -6.63
CA ILE A 2 15.46 4.52 -7.13
C ILE A 2 15.10 3.18 -6.52
N LEU A 3 15.90 2.12 -6.78
CA LEU A 3 15.62 0.83 -6.16
C LEU A 3 15.40 0.94 -4.68
N SER A 4 16.13 1.83 -3.96
CA SER A 4 15.93 1.93 -2.51
C SER A 4 14.53 2.40 -2.22
N SER A 5 14.00 3.37 -3.02
CA SER A 5 12.64 3.84 -2.78
C SER A 5 11.66 2.75 -3.13
N PHE A 6 11.80 2.10 -4.31
CA PHE A 6 10.80 1.10 -4.71
C PHE A 6 10.78 -0.02 -3.69
N LYS A 7 11.95 -0.62 -3.34
CA LYS A 7 11.92 -1.70 -2.35
C LYS A 7 11.47 -1.20 -1.00
N GLY A 8 11.58 0.11 -0.68
CA GLY A 8 11.03 0.63 0.58
C GLY A 8 9.62 1.15 0.46
N VAL A 9 8.94 1.05 -0.71
CA VAL A 9 7.59 1.62 -0.88
C VAL A 9 6.73 0.67 -1.69
N ALA A 10 7.13 0.31 -2.93
CA ALA A 10 6.32 -0.61 -3.73
C ALA A 10 6.30 -2.03 -3.17
N LYS A 11 7.25 -2.44 -2.30
CA LYS A 11 7.33 -3.86 -1.91
C LYS A 11 6.04 -4.55 -1.53
N GLY A 12 4.97 -3.84 -1.10
CA GLY A 12 3.71 -4.51 -0.74
C GLY A 12 2.56 -3.74 -1.35
N VAL A 13 2.74 -3.26 -2.61
CA VAL A 13 1.71 -2.44 -3.23
C VAL A 13 0.51 -3.29 -3.57
N ALA A 14 0.67 -4.56 -3.98
CA ALA A 14 -0.50 -5.35 -4.39
C ALA A 14 -1.67 -5.14 -3.47
N LYS A 15 -1.48 -5.30 -2.13
CA LYS A 15 -2.58 -5.10 -1.19
C LYS A 15 -2.68 -3.64 -0.81
N ASP A 16 -1.55 -3.00 -0.43
CA ASP A 16 -1.64 -1.65 0.15
C ASP A 16 -2.21 -0.64 -0.83
N LEU A 17 -2.10 -0.84 -2.16
CA LEU A 17 -2.67 0.13 -3.11
C LEU A 17 -4.12 0.36 -2.73
N ALA A 18 -4.90 -0.73 -2.60
CA ALA A 18 -6.29 -0.60 -2.18
C ALA A 18 -6.33 0.09 -0.84
N GLY A 19 -5.42 -0.26 0.10
CA GLY A 19 -5.37 0.46 1.37
C GLY A 19 -5.34 1.96 1.18
N LYS A 20 -4.68 2.52 0.13
CA LYS A 20 -4.69 3.96 -0.08
C LYS A 20 -5.97 4.38 -0.77
N LEU A 21 -6.23 3.90 -2.01
CA LEU A 21 -7.35 4.43 -2.78
C LEU A 21 -8.64 4.10 -2.09
N LEU A 22 -8.79 2.84 -1.63
CA LEU A 22 -10.01 2.42 -0.94
C LEU A 22 -9.76 2.48 0.55
N GLU A 23 -9.14 3.56 1.08
CA GLU A 23 -8.91 3.62 2.53
C GLU A 23 -10.26 3.60 3.20
N THR A 24 -11.21 4.44 2.73
CA THR A 24 -12.55 4.50 3.33
C THR A 24 -13.14 3.14 3.64
N LEU A 25 -12.85 2.06 2.87
CA LEU A 25 -13.46 0.76 3.10
C LEU A 25 -12.46 -0.37 3.19
N LYS A 26 -11.46 -0.51 2.29
CA LYS A 26 -10.51 -1.62 2.42
C LYS A 26 -9.79 -1.48 3.73
N CYS A 27 -9.14 -0.32 3.99
CA CYS A 27 -8.32 -0.20 5.20
C CYS A 27 -9.16 -0.48 6.42
N LYS A 28 -10.43 0.00 6.47
CA LYS A 28 -11.27 -0.30 7.63
C LYS A 28 -11.47 -1.80 7.70
N ILE A 29 -11.78 -2.47 6.57
CA ILE A 29 -12.07 -3.90 6.62
C ILE A 29 -10.83 -4.66 7.02
N THR A 30 -9.77 -4.68 6.17
CA THR A 30 -8.57 -5.46 6.53
C THR A 30 -7.90 -4.94 7.78
N GLY A 31 -8.06 -3.64 8.13
CA GLY A 31 -7.35 -3.09 9.27
C GLY A 31 -5.94 -2.77 8.84
N CYS A 32 -5.78 -1.93 7.78
CA CYS A 32 -4.44 -1.64 7.28
C CYS A 32 -3.70 -0.82 8.31
N GLY A 1 18.77 6.48 -3.90
CA GLY A 1 18.72 5.84 -5.21
C GLY A 1 17.28 5.73 -5.67
N ILE A 2 17.05 5.28 -6.93
CA ILE A 2 15.68 5.07 -7.39
C ILE A 2 15.20 3.77 -6.81
N LEU A 3 15.95 2.65 -6.98
CA LEU A 3 15.49 1.38 -6.43
C LEU A 3 15.24 1.49 -4.95
N SER A 4 16.01 2.30 -4.18
CA SER A 4 15.75 2.40 -2.75
C SER A 4 14.32 2.82 -2.54
N SER A 5 13.79 3.75 -3.37
CA SER A 5 12.40 4.17 -3.18
C SER A 5 11.46 3.02 -3.48
N PHE A 6 11.59 2.33 -4.64
CA PHE A 6 10.62 1.28 -4.95
C PHE A 6 10.71 0.17 -3.93
N LYS A 7 11.91 -0.44 -3.70
CA LYS A 7 11.97 -1.53 -2.73
C LYS A 7 11.45 -1.05 -1.40
N GLY A 8 11.65 0.23 -1.00
CA GLY A 8 11.13 0.68 0.28
C GLY A 8 9.62 0.76 0.25
N VAL A 9 9.02 1.26 -0.85
CA VAL A 9 7.57 1.53 -0.89
C VAL A 9 6.86 0.43 -1.65
N ALA A 10 7.17 0.23 -2.95
CA ALA A 10 6.40 -0.71 -3.76
C ALA A 10 6.43 -2.13 -3.24
N LYS A 11 7.46 -2.54 -2.47
CA LYS A 11 7.53 -3.92 -1.98
C LYS A 11 6.20 -4.55 -1.62
N GLY A 12 5.24 -3.80 -1.00
CA GLY A 12 3.95 -4.39 -0.61
C GLY A 12 2.82 -3.65 -1.26
N VAL A 13 2.97 -3.26 -2.55
CA VAL A 13 1.93 -2.46 -3.19
C VAL A 13 0.67 -3.27 -3.34
N ALA A 14 0.74 -4.60 -3.62
CA ALA A 14 -0.48 -5.37 -3.82
C ALA A 14 -1.48 -5.11 -2.72
N LYS A 15 -1.05 -5.18 -1.45
CA LYS A 15 -1.98 -4.96 -0.33
C LYS A 15 -2.29 -3.49 -0.19
N ASP A 16 -1.23 -2.63 -0.17
CA ASP A 16 -1.43 -1.22 0.16
C ASP A 16 -2.15 -0.42 -0.91
N LEU A 17 -2.06 -0.77 -2.21
CA LEU A 17 -2.68 0.07 -3.25
C LEU A 17 -4.13 0.26 -2.87
N ALA A 18 -4.86 -0.85 -2.62
CA ALA A 18 -6.24 -0.74 -2.16
C ALA A 18 -6.25 -0.05 -0.81
N GLY A 19 -5.33 -0.41 0.11
CA GLY A 19 -5.30 0.27 1.41
C GLY A 19 -5.33 1.78 1.28
N LYS A 20 -4.68 2.39 0.26
CA LYS A 20 -4.71 3.85 0.14
C LYS A 20 -5.92 4.29 -0.66
N LEU A 21 -6.05 3.88 -1.95
CA LEU A 21 -7.15 4.39 -2.75
C LEU A 21 -8.47 4.03 -2.11
N LEU A 22 -8.60 2.77 -1.64
CA LEU A 22 -9.84 2.34 -0.98
C LEU A 22 -9.63 2.37 0.52
N GLU A 23 -9.08 3.47 1.07
CA GLU A 23 -8.91 3.56 2.52
C GLU A 23 -10.28 3.61 3.17
N THR A 24 -11.24 4.35 2.58
CA THR A 24 -12.57 4.46 3.18
C THR A 24 -13.20 3.10 3.44
N LEU A 25 -12.84 2.03 2.70
CA LEU A 25 -13.50 0.73 2.86
C LEU A 25 -12.54 -0.43 2.98
N LYS A 26 -11.49 -0.58 2.14
CA LYS A 26 -10.59 -1.71 2.29
C LYS A 26 -9.92 -1.61 3.65
N CYS A 27 -9.30 -0.45 3.97
CA CYS A 27 -8.55 -0.36 5.22
C CYS A 27 -9.46 -0.64 6.39
N LYS A 28 -10.72 -0.15 6.37
CA LYS A 28 -11.62 -0.45 7.49
C LYS A 28 -11.85 -1.95 7.55
N ILE A 29 -12.11 -2.61 6.40
CA ILE A 29 -12.43 -4.03 6.44
C ILE A 29 -11.24 -4.81 6.94
N THR A 30 -10.10 -4.82 6.20
CA THR A 30 -8.94 -5.60 6.66
C THR A 30 -8.39 -5.05 7.96
N GLY A 31 -8.58 -3.76 8.27
CA GLY A 31 -7.96 -3.18 9.47
C GLY A 31 -6.51 -2.88 9.14
N CYS A 32 -6.26 -2.08 8.08
CA CYS A 32 -4.88 -1.80 7.68
C CYS A 32 -4.19 -1.02 8.77
N GLY A 1 18.24 6.51 -3.61
CA GLY A 1 18.26 5.59 -4.74
C GLY A 1 16.85 5.38 -5.25
N ILE A 2 16.69 4.94 -6.52
CA ILE A 2 15.35 4.65 -7.04
C ILE A 2 14.97 3.28 -6.54
N LEU A 3 15.81 2.25 -6.77
CA LEU A 3 15.48 0.91 -6.29
C LEU A 3 15.25 0.94 -4.79
N SER A 4 15.97 1.78 -4.03
CA SER A 4 15.72 1.84 -2.59
C SER A 4 14.31 2.31 -2.35
N SER A 5 13.89 3.40 -3.03
CA SER A 5 12.53 3.89 -2.84
C SER A 5 11.52 2.83 -3.25
N PHE A 6 11.69 2.19 -4.43
CA PHE A 6 10.72 1.19 -4.86
C PHE A 6 10.68 0.06 -3.86
N LYS A 7 11.79 -0.66 -3.62
CA LYS A 7 11.71 -1.81 -2.72
C LYS A 7 11.13 -1.35 -1.39
N GLY A 8 11.42 -0.12 -0.91
CA GLY A 8 10.83 0.33 0.35
C GLY A 8 9.33 0.44 0.24
N VAL A 9 8.80 1.02 -0.85
CA VAL A 9 7.35 1.26 -0.96
C VAL A 9 6.70 0.22 -1.84
N ALA A 10 7.12 0.12 -3.12
CA ALA A 10 6.45 -0.77 -4.07
C ALA A 10 6.39 -2.21 -3.62
N LYS A 11 7.31 -2.71 -2.77
CA LYS A 11 7.28 -4.14 -2.40
C LYS A 11 5.89 -4.62 -2.04
N GLY A 12 5.06 -3.81 -1.32
CA GLY A 12 3.73 -4.24 -0.94
C GLY A 12 2.68 -3.47 -1.70
N VAL A 13 2.91 -3.18 -3.00
CA VAL A 13 1.95 -2.35 -3.75
C VAL A 13 0.60 -3.03 -3.85
N ALA A 14 0.56 -4.36 -4.05
CA ALA A 14 -0.73 -5.03 -4.30
C ALA A 14 -1.74 -4.67 -3.23
N LYS A 15 -1.38 -4.84 -1.95
CA LYS A 15 -2.32 -4.54 -0.86
C LYS A 15 -2.37 -3.05 -0.62
N ASP A 16 -1.21 -2.36 -0.60
CA ASP A 16 -1.19 -0.95 -0.24
C ASP A 16 -2.14 -0.14 -1.10
N LEU A 17 -2.13 -0.29 -2.45
CA LEU A 17 -3.02 0.52 -3.29
C LEU A 17 -4.43 0.47 -2.74
N ALA A 18 -5.01 -0.74 -2.54
CA ALA A 18 -6.38 -0.79 -2.03
C ALA A 18 -6.42 -0.11 -0.68
N GLY A 19 -5.47 -0.41 0.23
CA GLY A 19 -5.47 0.27 1.53
C GLY A 19 -5.47 1.79 1.43
N LYS A 20 -4.90 2.39 0.36
CA LYS A 20 -4.86 3.84 0.23
C LYS A 20 -5.99 4.31 -0.66
N LEU A 21 -6.02 3.93 -1.96
CA LEU A 21 -7.09 4.40 -2.84
C LEU A 21 -8.43 4.10 -2.21
N LEU A 22 -8.61 2.87 -1.67
CA LEU A 22 -9.88 2.51 -1.03
C LEU A 22 -9.68 2.55 0.48
N GLU A 23 -9.11 3.65 1.02
CA GLU A 23 -8.93 3.72 2.47
C GLU A 23 -10.29 3.73 3.11
N THR A 24 -11.23 4.58 2.61
CA THR A 24 -12.56 4.66 3.20
C THR A 24 -13.21 3.33 3.51
N LEU A 25 -12.88 2.23 2.78
CA LEU A 25 -13.51 0.93 3.03
C LEU A 25 -12.52 -0.21 3.14
N LYS A 26 -11.51 -0.37 2.26
CA LYS A 26 -10.61 -1.52 2.41
C LYS A 26 -9.88 -1.40 3.73
N CYS A 27 -9.23 -0.24 3.98
CA CYS A 27 -8.43 -0.12 5.19
C CYS A 27 -9.27 -0.37 6.42
N LYS A 28 -10.55 0.07 6.45
CA LYS A 28 -11.38 -0.19 7.62
C LYS A 28 -11.61 -1.68 7.70
N ILE A 29 -11.92 -2.36 6.58
CA ILE A 29 -12.23 -3.80 6.64
C ILE A 29 -11.00 -4.54 7.10
N THR A 30 -9.89 -4.55 6.33
CA THR A 30 -8.71 -5.32 6.75
C THR A 30 -8.08 -4.74 7.99
N GLY A 31 -8.25 -3.44 8.29
CA GLY A 31 -7.55 -2.84 9.42
C GLY A 31 -6.13 -2.54 8.99
N CYS A 32 -5.95 -1.77 7.90
CA CYS A 32 -4.59 -1.50 7.41
C CYS A 32 -3.83 -0.71 8.44
N GLY A 1 18.11 6.83 -3.34
CA GLY A 1 18.23 5.90 -4.45
C GLY A 1 16.87 5.58 -5.01
N ILE A 2 16.80 5.09 -6.27
CA ILE A 2 15.50 4.73 -6.85
C ILE A 2 15.12 3.38 -6.30
N LEU A 3 16.00 2.35 -6.43
CA LEU A 3 15.63 1.02 -5.95
C LEU A 3 15.33 1.12 -4.47
N SER A 4 16.16 1.83 -3.67
CA SER A 4 15.88 1.95 -2.24
C SER A 4 14.46 2.44 -2.04
N SER A 5 14.04 3.49 -2.78
CA SER A 5 12.68 4.00 -2.62
C SER A 5 11.65 2.97 -3.05
N PHE A 6 11.84 2.33 -4.22
CA PHE A 6 10.83 1.39 -4.70
C PHE A 6 10.74 0.23 -3.73
N LYS A 7 11.82 -0.52 -3.45
CA LYS A 7 11.68 -1.62 -2.49
C LYS A 7 11.14 -1.04 -1.20
N GLY A 8 11.53 0.18 -0.78
CA GLY A 8 10.99 0.74 0.45
C GLY A 8 9.47 0.80 0.42
N VAL A 9 8.88 1.21 -0.73
CA VAL A 9 7.43 1.41 -0.80
C VAL A 9 6.77 0.34 -1.66
N ALA A 10 7.15 0.24 -2.95
CA ALA A 10 6.46 -0.69 -3.86
C ALA A 10 6.47 -2.12 -3.39
N LYS A 11 7.44 -2.58 -2.56
CA LYS A 11 7.45 -4.00 -2.18
C LYS A 11 6.09 -4.48 -1.72
N GLY A 12 5.32 -3.66 -0.95
CA GLY A 12 3.99 -4.08 -0.51
C GLY A 12 2.92 -3.35 -1.29
N VAL A 13 3.10 -3.17 -2.62
CA VAL A 13 2.11 -2.41 -3.39
C VAL A 13 0.75 -3.08 -3.35
N ALA A 14 0.70 -4.43 -3.43
CA ALA A 14 -0.60 -5.10 -3.56
C ALA A 14 -1.57 -4.63 -2.51
N LYS A 15 -1.22 -4.73 -1.20
CA LYS A 15 -2.13 -4.25 -0.17
C LYS A 15 -2.21 -2.74 -0.23
N ASP A 16 -1.08 -2.01 -0.35
CA ASP A 16 -1.15 -0.55 -0.24
C ASP A 16 -2.20 0.01 -1.19
N LEU A 17 -2.10 -0.18 -2.52
CA LEU A 17 -3.10 0.41 -3.41
C LEU A 17 -4.50 0.18 -2.87
N ALA A 18 -4.82 -1.05 -2.41
CA ALA A 18 -6.15 -1.28 -1.85
C ALA A 18 -6.34 -0.40 -0.62
N GLY A 19 -5.43 -0.48 0.38
CA GLY A 19 -5.61 0.32 1.59
C GLY A 19 -5.46 1.81 1.39
N LYS A 20 -4.95 2.31 0.24
CA LYS A 20 -4.83 3.76 0.02
C LYS A 20 -5.96 4.19 -0.89
N LEU A 21 -6.04 3.67 -2.13
CA LEU A 21 -7.13 4.09 -3.02
C LEU A 21 -8.45 3.78 -2.35
N LEU A 22 -8.61 2.57 -1.76
CA LEU A 22 -9.86 2.22 -1.08
C LEU A 22 -9.64 2.29 0.41
N GLU A 23 -9.05 3.41 0.90
CA GLU A 23 -8.85 3.55 2.33
C GLU A 23 -10.20 3.58 3.00
N THR A 24 -11.14 4.39 2.46
CA THR A 24 -12.46 4.52 3.05
C THR A 24 -13.09 3.20 3.46
N LEU A 25 -12.78 2.06 2.79
CA LEU A 25 -13.42 0.79 3.14
C LEU A 25 -12.44 -0.36 3.28
N LYS A 26 -11.47 -0.61 2.36
CA LYS A 26 -10.57 -1.75 2.56
C LYS A 26 -9.73 -1.53 3.80
N CYS A 27 -9.05 -0.37 3.93
CA CYS A 27 -8.20 -0.18 5.11
C CYS A 27 -8.99 -0.41 6.38
N LYS A 28 -10.28 0.00 6.44
CA LYS A 28 -11.05 -0.25 7.65
C LYS A 28 -11.25 -1.74 7.79
N ILE A 29 -11.62 -2.45 6.70
CA ILE A 29 -11.88 -3.89 6.81
C ILE A 29 -10.60 -4.60 7.20
N THR A 30 -9.57 -4.62 6.33
CA THR A 30 -8.35 -5.36 6.68
C THR A 30 -7.65 -4.76 7.90
N GLY A 31 -7.85 -3.45 8.19
CA GLY A 31 -7.13 -2.84 9.31
C GLY A 31 -5.74 -2.51 8.84
N CYS A 32 -5.60 -1.71 7.76
CA CYS A 32 -4.27 -1.39 7.23
C CYS A 32 -3.56 -0.51 8.22
N GLY A 1 18.39 6.97 -3.83
CA GLY A 1 18.33 5.76 -4.64
C GLY A 1 16.92 5.55 -5.15
N ILE A 2 16.75 5.07 -6.41
CA ILE A 2 15.39 4.80 -6.90
C ILE A 2 15.01 3.44 -6.39
N LEU A 3 15.82 2.38 -6.64
CA LEU A 3 15.45 1.05 -6.16
C LEU A 3 15.18 1.10 -4.68
N SER A 4 15.91 1.91 -3.88
CA SER A 4 15.63 1.97 -2.44
C SER A 4 14.21 2.43 -2.23
N SER A 5 13.80 3.52 -2.93
CA SER A 5 12.42 4.00 -2.77
C SER A 5 11.43 2.95 -3.19
N PHE A 6 11.67 2.24 -4.32
CA PHE A 6 10.68 1.27 -4.79
C PHE A 6 10.65 0.10 -3.83
N LYS A 7 11.76 -0.64 -3.64
CA LYS A 7 11.72 -1.78 -2.73
C LYS A 7 11.13 -1.36 -1.39
N GLY A 8 11.38 -0.12 -0.91
CA GLY A 8 10.81 0.28 0.36
C GLY A 8 9.30 0.37 0.27
N VAL A 9 8.76 1.06 -0.77
CA VAL A 9 7.32 1.28 -0.86
C VAL A 9 6.67 0.25 -1.75
N ALA A 10 7.09 0.16 -3.03
CA ALA A 10 6.41 -0.72 -3.98
C ALA A 10 6.33 -2.17 -3.53
N LYS A 11 7.28 -2.69 -2.71
CA LYS A 11 7.25 -4.11 -2.38
C LYS A 11 5.87 -4.62 -1.99
N GLY A 12 5.06 -3.85 -1.23
CA GLY A 12 3.75 -4.33 -0.81
C GLY A 12 2.65 -3.58 -1.53
N VAL A 13 2.86 -3.20 -2.81
CA VAL A 13 1.85 -2.42 -3.53
C VAL A 13 0.57 -3.22 -3.64
N ALA A 14 0.62 -4.54 -3.89
CA ALA A 14 -0.62 -5.29 -4.15
C ALA A 14 -1.66 -4.99 -3.09
N LYS A 15 -1.37 -5.27 -1.80
CA LYS A 15 -2.36 -5.02 -0.75
C LYS A 15 -2.50 -3.54 -0.48
N ASP A 16 -1.37 -2.79 -0.47
CA ASP A 16 -1.42 -1.40 -0.01
C ASP A 16 -2.13 -0.49 -0.97
N LEU A 17 -2.13 -0.78 -2.29
CA LEU A 17 -2.75 0.15 -3.25
C LEU A 17 -4.20 0.34 -2.83
N ALA A 18 -4.94 -0.78 -2.61
CA ALA A 18 -6.30 -0.67 -2.13
C ALA A 18 -6.31 0.07 -0.82
N GLY A 19 -5.37 -0.23 0.10
CA GLY A 19 -5.32 0.52 1.35
C GLY A 19 -5.32 2.01 1.12
N LYS A 20 -4.63 2.52 0.07
CA LYS A 20 -4.63 3.97 -0.20
C LYS A 20 -5.94 4.36 -0.86
N LEU A 21 -6.20 3.91 -2.11
CA LEU A 21 -7.36 4.43 -2.83
C LEU A 21 -8.64 4.11 -2.10
N LEU A 22 -8.77 2.85 -1.61
CA LEU A 22 -9.99 2.44 -0.91
C LEU A 22 -9.76 2.50 0.58
N GLU A 23 -9.09 3.55 1.12
CA GLU A 23 -8.90 3.61 2.56
C GLU A 23 -10.26 3.62 3.23
N THR A 24 -11.18 4.48 2.72
CA THR A 24 -12.52 4.59 3.31
C THR A 24 -13.17 3.25 3.61
N LEU A 25 -12.89 2.18 2.82
CA LEU A 25 -13.56 0.89 3.04
C LEU A 25 -12.57 -0.26 3.18
N LYS A 26 -11.54 -0.42 2.32
CA LYS A 26 -10.62 -1.54 2.49
C LYS A 26 -9.98 -1.45 3.86
N CYS A 27 -9.33 -0.31 4.21
CA CYS A 27 -8.66 -0.25 5.50
C CYS A 27 -9.61 -0.47 6.64
N LYS A 28 -10.87 0.02 6.56
CA LYS A 28 -11.81 -0.26 7.65
C LYS A 28 -12.04 -1.76 7.71
N ILE A 29 -12.13 -2.46 6.56
CA ILE A 29 -12.37 -3.90 6.60
C ILE A 29 -11.12 -4.61 7.11
N THR A 30 -9.98 -4.55 6.37
CA THR A 30 -8.81 -5.36 6.74
C THR A 30 -7.91 -4.72 7.77
N GLY A 31 -8.25 -3.54 8.34
CA GLY A 31 -7.38 -2.94 9.37
C GLY A 31 -6.17 -2.23 8.83
N CYS A 32 -6.01 -2.07 7.49
CA CYS A 32 -4.88 -1.29 6.96
C CYS A 32 -3.57 -1.98 7.30
N GLY A 1 18.91 6.82 -4.19
CA GLY A 1 18.73 5.81 -5.23
C GLY A 1 17.26 5.63 -5.55
N ILE A 2 16.92 5.21 -6.79
CA ILE A 2 15.51 4.99 -7.12
C ILE A 2 15.12 3.67 -6.50
N LEU A 3 15.89 2.58 -6.76
CA LEU A 3 15.48 1.27 -6.25
C LEU A 3 15.29 1.33 -4.75
N SER A 4 16.12 2.09 -3.98
CA SER A 4 15.92 2.13 -2.54
C SER A 4 14.52 2.59 -2.23
N SER A 5 14.05 3.68 -2.89
CA SER A 5 12.69 4.15 -2.65
C SER A 5 11.69 3.14 -3.14
N PHE A 6 11.93 2.53 -4.33
CA PHE A 6 10.90 1.66 -4.91
C PHE A 6 10.78 0.42 -4.07
N LYS A 7 11.87 -0.35 -3.84
CA LYS A 7 11.76 -1.52 -2.98
C LYS A 7 11.29 -1.09 -1.61
N GLY A 8 11.65 0.11 -1.11
CA GLY A 8 11.18 0.52 0.21
C GLY A 8 9.67 0.62 0.23
N VAL A 9 9.07 1.27 -0.80
CA VAL A 9 7.63 1.52 -0.80
C VAL A 9 6.91 0.49 -1.64
N ALA A 10 7.25 0.38 -2.95
CA ALA A 10 6.49 -0.49 -3.84
C ALA A 10 6.44 -1.93 -3.41
N LYS A 11 7.44 -2.44 -2.65
CA LYS A 11 7.44 -3.88 -2.30
C LYS A 11 6.09 -4.42 -1.91
N GLY A 12 5.26 -3.68 -1.14
CA GLY A 12 3.97 -4.22 -0.69
C GLY A 12 2.83 -3.46 -1.35
N VAL A 13 2.99 -3.04 -2.62
CA VAL A 13 1.95 -2.25 -3.27
C VAL A 13 0.71 -3.08 -3.49
N ALA A 14 0.83 -4.38 -3.88
CA ALA A 14 -0.36 -5.14 -4.28
C ALA A 14 -1.53 -4.92 -3.33
N LYS A 15 -1.35 -5.19 -2.01
CA LYS A 15 -2.46 -5.04 -1.06
C LYS A 15 -2.58 -3.59 -0.64
N ASP A 16 -1.45 -2.93 -0.30
CA ASP A 16 -1.52 -1.55 0.20
C ASP A 16 -2.15 -0.59 -0.78
N LEU A 17 -2.10 -0.84 -2.11
CA LEU A 17 -2.64 0.13 -3.06
C LEU A 17 -4.09 0.37 -2.69
N ALA A 18 -4.88 -0.72 -2.57
CA ALA A 18 -6.27 -0.58 -2.14
C ALA A 18 -6.30 0.09 -0.79
N GLY A 19 -5.40 -0.28 0.15
CA GLY A 19 -5.34 0.43 1.43
C GLY A 19 -5.31 1.93 1.24
N LYS A 20 -4.62 2.47 0.22
CA LYS A 20 -4.60 3.92 -0.01
C LYS A 20 -5.85 4.34 -0.73
N LEU A 21 -6.04 3.96 -2.02
CA LEU A 21 -7.16 4.51 -2.79
C LEU A 21 -8.47 4.16 -2.11
N LEU A 22 -8.63 2.88 -1.68
CA LEU A 22 -9.85 2.45 -1.02
C LEU A 22 -9.62 2.46 0.48
N GLU A 23 -9.07 3.55 1.05
CA GLU A 23 -8.90 3.59 2.50
C GLU A 23 -10.28 3.57 3.12
N THR A 24 -11.19 4.44 2.64
CA THR A 24 -12.54 4.51 3.20
C THR A 24 -13.19 3.16 3.47
N LEU A 25 -12.86 2.09 2.69
CA LEU A 25 -13.51 0.79 2.90
C LEU A 25 -12.52 -0.36 3.00
N LYS A 26 -11.48 -0.49 2.13
CA LYS A 26 -10.59 -1.64 2.24
C LYS A 26 -9.87 -1.54 3.57
N CYS A 27 -9.21 -0.41 3.86
CA CYS A 27 -8.44 -0.32 5.10
C CYS A 27 -9.32 -0.64 6.28
N LYS A 28 -10.57 -0.10 6.33
CA LYS A 28 -11.42 -0.37 7.50
C LYS A 28 -11.65 -1.86 7.59
N ILE A 29 -11.92 -2.55 6.46
CA ILE A 29 -12.18 -3.99 6.51
C ILE A 29 -10.93 -4.69 7.00
N THR A 30 -9.78 -4.55 6.29
CA THR A 30 -8.58 -5.30 6.67
C THR A 30 -7.78 -4.66 7.78
N GLY A 31 -8.21 -3.55 8.42
CA GLY A 31 -7.36 -2.90 9.40
C GLY A 31 -6.06 -2.47 8.76
N CYS A 32 -6.12 -1.92 7.53
CA CYS A 32 -4.92 -1.54 6.78
C CYS A 32 -3.91 -2.65 6.88
N GLY A 1 18.83 6.30 -3.78
CA GLY A 1 18.74 5.65 -5.09
C GLY A 1 17.29 5.49 -5.47
N ILE A 2 17.01 5.18 -6.76
CA ILE A 2 15.62 4.97 -7.17
C ILE A 2 15.21 3.62 -6.61
N LEU A 3 15.99 2.55 -6.89
CA LEU A 3 15.59 1.23 -6.43
C LEU A 3 15.36 1.22 -4.93
N SER A 4 16.18 1.94 -4.12
CA SER A 4 15.96 1.92 -2.68
C SER A 4 14.58 2.44 -2.37
N SER A 5 14.16 3.56 -3.00
CA SER A 5 12.83 4.09 -2.75
C SER A 5 11.78 3.13 -3.28
N PHE A 6 11.99 2.57 -4.50
CA PHE A 6 10.94 1.77 -5.11
C PHE A 6 10.75 0.51 -4.29
N LYS A 7 11.80 -0.28 -4.02
CA LYS A 7 11.62 -1.46 -3.17
C LYS A 7 11.11 -1.01 -1.82
N GLY A 8 11.57 0.14 -1.28
CA GLY A 8 11.10 0.57 0.04
C GLY A 8 9.59 0.72 0.05
N VAL A 9 9.01 1.32 -1.00
CA VAL A 9 7.57 1.58 -1.02
C VAL A 9 6.85 0.50 -1.81
N ALA A 10 7.18 0.34 -3.12
CA ALA A 10 6.41 -0.54 -3.98
C ALA A 10 6.42 -1.99 -3.56
N LYS A 11 7.43 -2.50 -2.80
CA LYS A 11 7.46 -3.93 -2.49
C LYS A 11 6.13 -4.47 -2.03
N GLY A 12 5.34 -3.71 -1.22
CA GLY A 12 4.04 -4.20 -0.76
C GLY A 12 2.93 -3.45 -1.46
N VAL A 13 3.07 -3.13 -2.77
CA VAL A 13 2.04 -2.34 -3.44
C VAL A 13 0.77 -3.13 -3.60
N ALA A 14 0.84 -4.44 -3.96
CA ALA A 14 -0.38 -5.17 -4.29
C ALA A 14 -1.49 -4.91 -3.29
N LYS A 15 -1.20 -5.04 -1.98
CA LYS A 15 -2.24 -4.86 -0.97
C LYS A 15 -2.36 -3.41 -0.58
N ASP A 16 -1.24 -2.70 -0.34
CA ASP A 16 -1.31 -1.30 0.08
C ASP A 16 -2.10 -0.46 -0.90
N LEU A 17 -1.98 -0.70 -2.23
CA LEU A 17 -2.68 0.13 -3.21
C LEU A 17 -4.13 0.27 -2.79
N ALA A 18 -4.81 -0.87 -2.55
CA ALA A 18 -6.20 -0.82 -2.10
C ALA A 18 -6.25 -0.13 -0.77
N GLY A 19 -5.38 -0.49 0.19
CA GLY A 19 -5.39 0.19 1.49
C GLY A 19 -5.38 1.70 1.38
N LYS A 20 -4.76 2.30 0.33
CA LYS A 20 -4.69 3.75 0.22
C LYS A 20 -5.81 4.31 -0.63
N LEU A 21 -5.95 3.90 -1.92
CA LEU A 21 -7.03 4.47 -2.73
C LEU A 21 -8.35 4.13 -2.09
N LEU A 22 -8.52 2.88 -1.59
CA LEU A 22 -9.78 2.49 -0.96
C LEU A 22 -9.60 2.54 0.54
N GLU A 23 -8.96 3.58 1.10
CA GLU A 23 -8.83 3.65 2.56
C GLU A 23 -10.21 3.71 3.16
N THR A 24 -11.11 4.56 2.60
CA THR A 24 -12.47 4.67 3.13
C THR A 24 -13.15 3.33 3.40
N LEU A 25 -12.80 2.24 2.68
CA LEU A 25 -13.46 0.94 2.89
C LEU A 25 -12.49 -0.21 3.07
N LYS A 26 -11.42 -0.37 2.25
CA LYS A 26 -10.51 -1.50 2.46
C LYS A 26 -9.92 -1.42 3.86
N CYS A 27 -9.25 -0.31 4.23
CA CYS A 27 -8.66 -0.23 5.56
C CYS A 27 -9.68 -0.48 6.64
N LYS A 28 -10.93 0.01 6.49
CA LYS A 28 -11.92 -0.26 7.54
C LYS A 28 -12.18 -1.74 7.58
N ILE A 29 -12.29 -2.42 6.42
CA ILE A 29 -12.57 -3.86 6.41
C ILE A 29 -11.37 -4.61 6.94
N THR A 30 -10.22 -4.62 6.21
CA THR A 30 -9.09 -5.44 6.65
C THR A 30 -8.50 -4.95 7.94
N GLY A 31 -8.54 -3.64 8.23
CA GLY A 31 -7.82 -3.11 9.40
C GLY A 31 -6.38 -2.96 8.96
N CYS A 32 -6.10 -1.98 8.07
CA CYS A 32 -4.75 -1.85 7.51
C CYS A 32 -3.83 -1.20 8.51
N GLY A 1 18.73 6.59 -4.09
CA GLY A 1 18.66 5.89 -5.37
C GLY A 1 17.22 5.74 -5.80
N ILE A 2 16.98 5.27 -7.05
CA ILE A 2 15.60 5.07 -7.49
C ILE A 2 15.15 3.74 -6.92
N LEU A 3 15.91 2.64 -7.12
CA LEU A 3 15.49 1.35 -6.59
C LEU A 3 15.26 1.43 -5.10
N SER A 4 16.05 2.23 -4.34
CA SER A 4 15.83 2.31 -2.89
C SER A 4 14.40 2.75 -2.65
N SER A 5 13.88 3.71 -3.44
CA SER A 5 12.51 4.17 -3.23
C SER A 5 11.56 3.05 -3.56
N PHE A 6 11.66 2.42 -4.75
CA PHE A 6 10.69 1.39 -5.10
C PHE A 6 10.76 0.25 -4.11
N LYS A 7 11.92 -0.41 -3.90
CA LYS A 7 11.92 -1.53 -2.95
C LYS A 7 11.49 -1.05 -1.58
N GLY A 8 11.73 0.23 -1.21
CA GLY A 8 11.21 0.72 0.06
C GLY A 8 9.70 0.78 0.07
N VAL A 9 9.07 1.16 -1.07
CA VAL A 9 7.62 1.38 -1.12
C VAL A 9 6.93 0.30 -1.93
N ALA A 10 7.27 0.16 -3.23
CA ALA A 10 6.60 -0.83 -4.08
C ALA A 10 6.55 -2.20 -3.45
N LYS A 11 7.60 -2.63 -2.71
CA LYS A 11 7.66 -4.00 -2.20
C LYS A 11 6.34 -4.56 -1.70
N GLY A 12 5.48 -3.77 -1.01
CA GLY A 12 4.25 -4.31 -0.46
C GLY A 12 3.05 -3.55 -1.01
N VAL A 13 3.11 -3.18 -2.31
CA VAL A 13 2.02 -2.39 -2.88
C VAL A 13 0.82 -3.26 -3.17
N ALA A 14 0.99 -4.52 -3.60
CA ALA A 14 -0.17 -5.34 -3.98
C ALA A 14 -1.36 -5.12 -3.07
N LYS A 15 -1.17 -5.22 -1.74
CA LYS A 15 -2.29 -5.03 -0.81
C LYS A 15 -2.44 -3.57 -0.43
N ASP A 16 -1.34 -2.88 -0.06
CA ASP A 16 -1.46 -1.49 0.39
C ASP A 16 -2.13 -0.60 -0.64
N LEU A 17 -2.00 -0.90 -1.96
CA LEU A 17 -2.62 -0.05 -2.98
C LEU A 17 -4.08 0.13 -2.60
N ALA A 18 -4.80 -0.99 -2.38
CA ALA A 18 -6.19 -0.89 -1.94
C ALA A 18 -6.22 -0.19 -0.60
N GLY A 19 -5.35 -0.58 0.36
CA GLY A 19 -5.34 0.10 1.65
C GLY A 19 -5.29 1.61 1.55
N LYS A 20 -4.70 2.20 0.48
CA LYS A 20 -4.61 3.66 0.38
C LYS A 20 -5.70 4.23 -0.53
N LEU A 21 -5.75 3.87 -1.83
CA LEU A 21 -6.81 4.46 -2.67
C LEU A 21 -8.15 4.07 -2.10
N LEU A 22 -8.33 2.80 -1.66
CA LEU A 22 -9.59 2.37 -1.06
C LEU A 22 -9.44 2.38 0.44
N GLU A 23 -8.87 3.45 1.05
CA GLU A 23 -8.79 3.49 2.50
C GLU A 23 -10.20 3.57 3.04
N THR A 24 -11.04 4.46 2.48
CA THR A 24 -12.41 4.61 2.96
C THR A 24 -13.15 3.30 3.18
N LEU A 25 -12.80 2.20 2.46
CA LEU A 25 -13.51 0.93 2.62
C LEU A 25 -12.57 -0.25 2.86
N LYS A 26 -11.45 -0.43 2.13
CA LYS A 26 -10.60 -1.59 2.37
C LYS A 26 -10.08 -1.54 3.79
N CYS A 27 -9.42 -0.44 4.21
CA CYS A 27 -8.89 -0.37 5.57
C CYS A 27 -9.97 -0.55 6.59
N LYS A 28 -11.21 -0.04 6.37
CA LYS A 28 -12.26 -0.26 7.35
C LYS A 28 -12.55 -1.74 7.42
N ILE A 29 -12.58 -2.45 6.27
CA ILE A 29 -12.89 -3.88 6.28
C ILE A 29 -11.75 -4.63 6.93
N THR A 30 -10.55 -4.68 6.30
CA THR A 30 -9.47 -5.51 6.85
C THR A 30 -8.94 -4.96 8.16
N GLY A 31 -8.97 -3.63 8.39
CA GLY A 31 -8.30 -3.06 9.56
C GLY A 31 -6.84 -2.96 9.20
N CYS A 32 -6.49 -2.05 8.27
CA CYS A 32 -5.10 -1.98 7.79
C CYS A 32 -4.26 -1.28 8.83
N GLY A 1 18.19 6.91 -3.53
CA GLY A 1 18.28 5.94 -4.61
C GLY A 1 16.92 5.68 -5.20
N ILE A 2 16.87 5.09 -6.42
CA ILE A 2 15.59 4.84 -7.07
C ILE A 2 15.10 3.49 -6.60
N LEU A 3 15.89 2.40 -6.76
CA LEU A 3 15.46 1.10 -6.23
C LEU A 3 15.21 1.25 -4.74
N SER A 4 16.12 1.91 -3.98
CA SER A 4 15.89 2.04 -2.54
C SER A 4 14.48 2.54 -2.30
N SER A 5 14.03 3.55 -3.08
CA SER A 5 12.68 4.06 -2.90
C SER A 5 11.66 2.99 -3.25
N PHE A 6 11.74 2.38 -4.46
CA PHE A 6 10.71 1.41 -4.83
C PHE A 6 10.70 0.24 -3.88
N LYS A 7 11.82 -0.49 -3.68
CA LYS A 7 11.77 -1.63 -2.76
C LYS A 7 11.28 -1.15 -1.41
N GLY A 8 11.63 0.08 -0.97
CA GLY A 8 11.11 0.57 0.30
C GLY A 8 9.60 0.67 0.27
N VAL A 9 9.02 1.21 -0.83
CA VAL A 9 7.58 1.46 -0.88
C VAL A 9 6.86 0.39 -1.67
N ALA A 10 7.17 0.24 -2.97
CA ALA A 10 6.40 -0.67 -3.83
C ALA A 10 6.45 -2.12 -3.40
N LYS A 11 7.45 -2.58 -2.60
CA LYS A 11 7.49 -4.00 -2.25
C LYS A 11 6.14 -4.55 -1.85
N GLY A 12 5.30 -3.78 -1.10
CA GLY A 12 4.00 -4.30 -0.68
C GLY A 12 2.89 -3.54 -1.38
N VAL A 13 3.06 -3.23 -2.69
CA VAL A 13 2.03 -2.48 -3.40
C VAL A 13 0.77 -3.31 -3.52
N ALA A 14 0.87 -4.63 -3.78
CA ALA A 14 -0.33 -5.42 -4.05
C ALA A 14 -1.44 -5.11 -3.07
N LYS A 15 -1.17 -5.20 -1.74
CA LYS A 15 -2.22 -4.93 -0.76
C LYS A 15 -2.34 -3.44 -0.53
N ASP A 16 -1.22 -2.73 -0.31
CA ASP A 16 -1.30 -1.30 0.05
C ASP A 16 -2.06 -0.49 -0.96
N LEU A 17 -1.95 -0.80 -2.27
CA LEU A 17 -2.64 0.01 -3.29
C LEU A 17 -4.08 0.18 -2.87
N ALA A 18 -4.78 -0.95 -2.59
CA ALA A 18 -6.16 -0.87 -2.12
C ALA A 18 -6.19 -0.16 -0.79
N GLY A 19 -5.29 -0.52 0.15
CA GLY A 19 -5.26 0.15 1.45
C GLY A 19 -5.26 1.66 1.34
N LYS A 20 -4.68 2.26 0.26
CA LYS A 20 -4.65 3.72 0.14
C LYS A 20 -5.78 4.24 -0.72
N LEU A 21 -5.90 3.84 -2.01
CA LEU A 21 -6.98 4.37 -2.83
C LEU A 21 -8.30 4.02 -2.19
N LEU A 22 -8.45 2.75 -1.72
CA LEU A 22 -9.70 2.33 -1.09
C LEU A 22 -9.50 2.35 0.41
N GLU A 23 -8.92 3.42 0.98
CA GLU A 23 -8.78 3.49 2.44
C GLU A 23 -10.16 3.53 3.04
N THR A 24 -11.05 4.42 2.51
CA THR A 24 -12.40 4.54 3.07
C THR A 24 -13.11 3.22 3.31
N LEU A 25 -12.77 2.13 2.58
CA LEU A 25 -13.45 0.84 2.76
C LEU A 25 -12.49 -0.31 2.96
N LYS A 26 -11.40 -0.48 2.18
CA LYS A 26 -10.52 -1.63 2.39
C LYS A 26 -9.96 -1.57 3.80
N CYS A 27 -9.28 -0.45 4.17
CA CYS A 27 -8.69 -0.37 5.51
C CYS A 27 -9.74 -0.58 6.59
N LYS A 28 -10.98 -0.11 6.40
CA LYS A 28 -11.98 -0.33 7.45
C LYS A 28 -12.27 -1.81 7.53
N ILE A 29 -12.35 -2.53 6.38
CA ILE A 29 -12.65 -3.96 6.42
C ILE A 29 -11.47 -4.68 7.02
N THR A 30 -10.30 -4.73 6.35
CA THR A 30 -9.18 -5.53 6.86
C THR A 30 -8.62 -4.97 8.14
N GLY A 31 -8.65 -3.64 8.37
CA GLY A 31 -7.95 -3.07 9.51
C GLY A 31 -6.50 -2.94 9.10
N CYS A 32 -6.19 -2.02 8.15
CA CYS A 32 -4.84 -1.95 7.61
C CYS A 32 -3.95 -1.24 8.61
N GLY A 1 18.33 6.54 -3.68
CA GLY A 1 18.30 5.87 -4.97
C GLY A 1 16.87 5.61 -5.37
N ILE A 2 16.62 5.25 -6.66
CA ILE A 2 15.26 4.95 -7.09
C ILE A 2 14.93 3.57 -6.56
N LEU A 3 15.79 2.55 -6.80
CA LEU A 3 15.47 1.20 -6.32
C LEU A 3 15.24 1.22 -4.84
N SER A 4 15.98 2.03 -4.04
CA SER A 4 15.72 2.04 -2.60
C SER A 4 14.30 2.49 -2.33
N SER A 5 13.82 3.53 -3.07
CA SER A 5 12.46 4.01 -2.85
C SER A 5 11.47 2.95 -3.28
N PHE A 6 11.65 2.33 -4.47
CA PHE A 6 10.67 1.34 -4.93
C PHE A 6 10.70 0.15 -4.00
N LYS A 7 11.84 -0.55 -3.85
CA LYS A 7 11.83 -1.72 -2.97
C LYS A 7 11.37 -1.31 -1.58
N GLY A 8 11.63 -0.06 -1.12
CA GLY A 8 11.13 0.33 0.19
C GLY A 8 9.63 0.43 0.21
N VAL A 9 9.01 1.02 -0.85
CA VAL A 9 7.56 1.24 -0.86
C VAL A 9 6.86 0.23 -1.73
N ALA A 10 7.19 0.17 -3.04
CA ALA A 10 6.48 -0.70 -3.96
C ALA A 10 6.47 -2.16 -3.53
N LYS A 11 7.48 -2.65 -2.77
CA LYS A 11 7.50 -4.08 -2.44
C LYS A 11 6.16 -4.60 -1.95
N GLY A 12 5.39 -3.81 -1.14
CA GLY A 12 4.11 -4.28 -0.62
C GLY A 12 2.97 -3.55 -1.29
N VAL A 13 3.06 -3.29 -2.61
CA VAL A 13 2.01 -2.53 -3.27
C VAL A 13 0.73 -3.35 -3.38
N ALA A 14 0.80 -4.68 -3.57
CA ALA A 14 -0.41 -5.46 -3.85
C ALA A 14 -1.59 -5.05 -3.00
N LYS A 15 -1.53 -5.21 -1.65
CA LYS A 15 -2.65 -4.77 -0.81
C LYS A 15 -2.62 -3.25 -0.69
N ASP A 16 -1.47 -2.67 -0.32
CA ASP A 16 -1.44 -1.25 0.02
C ASP A 16 -2.12 -0.39 -1.03
N LEU A 17 -1.98 -0.73 -2.34
CA LEU A 17 -2.63 0.08 -3.38
C LEU A 17 -4.08 0.29 -2.99
N ALA A 18 -4.81 -0.82 -2.73
CA ALA A 18 -6.20 -0.70 -2.29
C ALA A 18 -6.24 -0.06 -0.93
N GLY A 19 -5.35 -0.45 0.02
CA GLY A 19 -5.35 0.18 1.33
C GLY A 19 -5.29 1.70 1.26
N LYS A 20 -4.73 2.31 0.18
CA LYS A 20 -4.69 3.77 0.08
C LYS A 20 -5.81 4.29 -0.79
N LEU A 21 -5.95 3.85 -2.07
CA LEU A 21 -7.02 4.40 -2.89
C LEU A 21 -8.35 4.08 -2.25
N LEU A 22 -8.54 2.82 -1.78
CA LEU A 22 -9.78 2.44 -1.12
C LEU A 22 -9.57 2.48 0.38
N GLU A 23 -8.93 3.53 0.92
CA GLU A 23 -8.73 3.59 2.37
C GLU A 23 -10.09 3.62 3.02
N THR A 24 -11.01 4.48 2.52
CA THR A 24 -12.35 4.58 3.10
C THR A 24 -13.01 3.25 3.40
N LEU A 25 -12.69 2.15 2.67
CA LEU A 25 -13.35 0.86 2.92
C LEU A 25 -12.37 -0.30 3.02
N LYS A 26 -11.39 -0.49 2.11
CA LYS A 26 -10.49 -1.64 2.24
C LYS A 26 -9.75 -1.52 3.56
N CYS A 27 -9.09 -0.38 3.82
CA CYS A 27 -8.30 -0.27 5.04
C CYS A 27 -9.15 -0.50 6.27
N LYS A 28 -10.40 -0.01 6.30
CA LYS A 28 -11.24 -0.23 7.48
C LYS A 28 -11.52 -1.72 7.59
N ILE A 29 -11.85 -2.40 6.48
CA ILE A 29 -12.21 -3.82 6.57
C ILE A 29 -11.01 -4.59 7.09
N THR A 30 -9.87 -4.62 6.35
CA THR A 30 -8.72 -5.40 6.81
C THR A 30 -8.06 -4.79 8.03
N GLY A 31 -8.27 -3.48 8.32
CA GLY A 31 -7.57 -2.86 9.43
C GLY A 31 -6.14 -2.61 9.02
N CYS A 32 -5.91 -1.91 7.88
CA CYS A 32 -4.55 -1.69 7.41
C CYS A 32 -3.82 -0.82 8.40
N GLY A 1 18.46 6.34 -3.59
CA GLY A 1 18.41 5.67 -4.88
C GLY A 1 16.98 5.47 -5.31
N ILE A 2 16.74 5.11 -6.59
CA ILE A 2 15.37 4.86 -7.04
C ILE A 2 14.98 3.49 -6.52
N LEU A 3 15.81 2.44 -6.77
CA LEU A 3 15.44 1.10 -6.31
C LEU A 3 15.21 1.11 -4.82
N SER A 4 15.99 1.88 -4.02
CA SER A 4 15.75 1.88 -2.57
C SER A 4 14.34 2.39 -2.30
N SER A 5 13.89 3.42 -3.03
CA SER A 5 12.54 3.94 -2.81
C SER A 5 11.53 2.90 -3.24
N PHE A 6 11.67 2.31 -4.44
CA PHE A 6 10.69 1.33 -4.90
C PHE A 6 10.66 0.17 -3.93
N LYS A 7 11.76 -0.60 -3.77
CA LYS A 7 11.68 -1.76 -2.87
C LYS A 7 11.20 -1.29 -1.51
N GLY A 8 11.57 -0.08 -1.04
CA GLY A 8 11.08 0.37 0.26
C GLY A 8 9.58 0.48 0.27
N VAL A 9 8.97 1.05 -0.80
CA VAL A 9 7.53 1.29 -0.82
C VAL A 9 6.82 0.27 -1.68
N ALA A 10 7.16 0.20 -2.99
CA ALA A 10 6.45 -0.66 -3.92
C ALA A 10 6.40 -2.12 -3.48
N LYS A 11 7.39 -2.64 -2.73
CA LYS A 11 7.40 -4.08 -2.42
C LYS A 11 6.06 -4.59 -1.96
N GLY A 12 5.30 -3.83 -1.12
CA GLY A 12 4.01 -4.31 -0.63
C GLY A 12 2.87 -3.54 -1.28
N VAL A 13 2.98 -3.23 -2.58
CA VAL A 13 1.94 -2.43 -3.22
C VAL A 13 0.67 -3.22 -3.38
N ALA A 14 0.74 -4.53 -3.74
CA ALA A 14 -0.49 -5.27 -4.05
C ALA A 14 -1.60 -4.98 -3.07
N LYS A 15 -1.31 -5.06 -1.74
CA LYS A 15 -2.35 -4.82 -0.74
C LYS A 15 -2.48 -3.33 -0.48
N ASP A 16 -1.35 -2.62 -0.24
CA ASP A 16 -1.43 -1.22 0.16
C ASP A 16 -2.18 -0.38 -0.86
N LEU A 17 -2.04 -0.67 -2.18
CA LEU A 17 -2.72 0.13 -3.20
C LEU A 17 -4.17 0.30 -2.81
N ALA A 18 -4.87 -0.82 -2.52
CA ALA A 18 -6.26 -0.72 -2.08
C ALA A 18 -6.30 -0.04 -0.74
N GLY A 19 -5.42 -0.40 0.22
CA GLY A 19 -5.41 0.28 1.50
C GLY A 19 -5.38 1.79 1.38
N LYS A 20 -4.83 2.38 0.30
CA LYS A 20 -4.80 3.84 0.16
C LYS A 20 -5.94 4.34 -0.72
N LEU A 21 -6.05 3.88 -2.00
CA LEU A 21 -7.14 4.40 -2.84
C LEU A 21 -8.46 4.05 -2.20
N LEU A 22 -8.62 2.80 -1.72
CA LEU A 22 -9.85 2.38 -1.08
C LEU A 22 -9.64 2.43 0.42
N GLU A 23 -9.06 3.54 0.96
CA GLU A 23 -8.89 3.62 2.41
C GLU A 23 -10.25 3.64 3.04
N THR A 24 -11.17 4.49 2.55
CA THR A 24 -12.51 4.60 3.12
C THR A 24 -13.17 3.26 3.39
N LEU A 25 -12.85 2.17 2.65
CA LEU A 25 -13.52 0.88 2.85
C LEU A 25 -12.54 -0.27 3.02
N LYS A 26 -11.50 -0.45 2.17
CA LYS A 26 -10.62 -1.60 2.35
C LYS A 26 -9.91 -1.44 3.68
N CYS A 27 -9.22 -0.29 3.92
CA CYS A 27 -8.46 -0.17 5.15
C CYS A 27 -9.33 -0.40 6.36
N LYS A 28 -10.61 0.06 6.34
CA LYS A 28 -11.48 -0.20 7.48
C LYS A 28 -11.71 -1.69 7.58
N ILE A 29 -12.01 -2.37 6.45
CA ILE A 29 -12.32 -3.80 6.52
C ILE A 29 -11.10 -4.56 6.98
N THR A 30 -9.99 -4.59 6.19
CA THR A 30 -8.83 -5.37 6.61
C THR A 30 -8.21 -4.82 7.87
N GLY A 31 -8.39 -3.51 8.19
CA GLY A 31 -7.72 -2.94 9.36
C GLY A 31 -6.29 -2.65 8.98
N CYS A 32 -6.07 -1.85 7.91
CA CYS A 32 -4.70 -1.57 7.47
C CYS A 32 -4.01 -0.74 8.51
N GLY A 1 18.28 6.82 -3.70
CA GLY A 1 18.34 5.89 -4.81
C GLY A 1 16.95 5.61 -5.34
N ILE A 2 16.82 5.19 -6.62
CA ILE A 2 15.50 4.88 -7.16
C ILE A 2 15.09 3.55 -6.58
N LEU A 3 15.94 2.50 -6.70
CA LEU A 3 15.56 1.20 -6.17
C LEU A 3 15.36 1.32 -4.67
N SER A 4 16.29 1.94 -3.91
CA SER A 4 16.11 2.03 -2.46
C SER A 4 14.72 2.52 -2.15
N SER A 5 14.28 3.62 -2.79
CA SER A 5 12.93 4.12 -2.54
C SER A 5 11.89 3.16 -3.07
N PHE A 6 12.07 2.60 -4.28
CA PHE A 6 11.02 1.80 -4.89
C PHE A 6 10.83 0.53 -4.07
N LYS A 7 11.89 -0.27 -3.82
CA LYS A 7 11.71 -1.43 -2.95
C LYS A 7 11.20 -0.94 -1.61
N GLY A 8 11.71 0.20 -1.09
CA GLY A 8 11.25 0.66 0.22
C GLY A 8 9.75 0.80 0.27
N VAL A 9 9.13 1.37 -0.80
CA VAL A 9 7.69 1.63 -0.80
C VAL A 9 6.97 0.57 -1.60
N ALA A 10 7.29 0.44 -2.91
CA ALA A 10 6.49 -0.42 -3.78
C ALA A 10 6.54 -1.89 -3.43
N LYS A 11 7.54 -2.40 -2.68
CA LYS A 11 7.60 -3.85 -2.43
C LYS A 11 6.27 -4.41 -1.96
N GLY A 12 5.52 -3.68 -1.10
CA GLY A 12 4.22 -4.19 -0.64
C GLY A 12 3.08 -3.44 -1.31
N VAL A 13 3.22 -3.09 -2.62
CA VAL A 13 2.18 -2.32 -3.28
C VAL A 13 0.93 -3.16 -3.46
N ALA A 14 1.05 -4.44 -3.85
CA ALA A 14 -0.14 -5.21 -4.22
C ALA A 14 -1.30 -4.98 -3.28
N LYS A 15 -1.08 -5.17 -1.96
CA LYS A 15 -2.18 -5.04 -1.00
C LYS A 15 -2.34 -3.59 -0.58
N ASP A 16 -1.23 -2.89 -0.25
CA ASP A 16 -1.35 -1.50 0.20
C ASP A 16 -2.06 -0.61 -0.80
N LEU A 17 -1.94 -0.88 -2.12
CA LEU A 17 -2.55 0.01 -3.11
C LEU A 17 -3.99 0.23 -2.73
N ALA A 18 -4.75 -0.88 -2.52
CA ALA A 18 -6.13 -0.76 -2.08
C ALA A 18 -6.15 -0.08 -0.72
N GLY A 19 -5.28 -0.49 0.22
CA GLY A 19 -5.25 0.16 1.53
C GLY A 19 -5.24 1.67 1.43
N LYS A 20 -4.63 2.29 0.40
CA LYS A 20 -4.58 3.75 0.31
C LYS A 20 -5.68 4.30 -0.57
N LEU A 21 -5.78 3.94 -1.87
CA LEU A 21 -6.84 4.52 -2.69
C LEU A 21 -8.18 4.14 -2.10
N LEU A 22 -8.35 2.87 -1.67
CA LEU A 22 -9.59 2.44 -1.07
C LEU A 22 -9.44 2.43 0.44
N GLU A 23 -8.87 3.49 1.05
CA GLU A 23 -8.77 3.53 2.51
C GLU A 23 -10.16 3.58 3.08
N THR A 24 -11.04 4.46 2.54
CA THR A 24 -12.41 4.57 3.03
C THR A 24 -13.10 3.25 3.26
N LEU A 25 -12.77 2.17 2.50
CA LEU A 25 -13.45 0.88 2.66
C LEU A 25 -12.48 -0.28 2.88
N LYS A 26 -11.36 -0.42 2.12
CA LYS A 26 -10.49 -1.57 2.35
C LYS A 26 -9.97 -1.54 3.76
N CYS A 27 -9.34 -0.42 4.19
CA CYS A 27 -8.79 -0.37 5.54
C CYS A 27 -9.87 -0.57 6.58
N LYS A 28 -11.09 -0.04 6.39
CA LYS A 28 -12.14 -0.28 7.37
C LYS A 28 -12.42 -1.76 7.41
N ILE A 29 -12.44 -2.46 6.25
CA ILE A 29 -12.74 -3.90 6.26
C ILE A 29 -11.58 -4.65 6.87
N THR A 30 -10.39 -4.70 6.22
CA THR A 30 -9.31 -5.54 6.75
C THR A 30 -8.76 -5.01 8.06
N GLY A 31 -8.75 -3.68 8.28
CA GLY A 31 -8.06 -3.13 9.45
C GLY A 31 -6.61 -3.01 9.05
N CYS A 32 -6.28 -2.07 8.14
CA CYS A 32 -4.91 -2.00 7.61
C CYS A 32 -4.04 -1.31 8.62
N GLY A 1 18.33 6.91 -4.05
CA GLY A 1 18.27 5.73 -4.89
C GLY A 1 16.85 5.49 -5.35
N ILE A 2 16.63 5.05 -6.61
CA ILE A 2 15.27 4.76 -7.06
C ILE A 2 14.93 3.37 -6.55
N LEU A 3 15.75 2.34 -6.86
CA LEU A 3 15.43 1.00 -6.39
C LEU A 3 15.21 0.99 -4.89
N SER A 4 15.97 1.81 -4.11
CA SER A 4 15.74 1.83 -2.67
C SER A 4 14.34 2.32 -2.40
N SER A 5 13.92 3.44 -3.03
CA SER A 5 12.56 3.94 -2.81
C SER A 5 11.53 2.91 -3.21
N PHE A 6 11.71 2.22 -4.36
CA PHE A 6 10.70 1.27 -4.81
C PHE A 6 10.68 0.10 -3.85
N LYS A 7 11.78 -0.69 -3.70
CA LYS A 7 11.70 -1.84 -2.80
C LYS A 7 11.24 -1.39 -1.43
N GLY A 8 11.59 -0.15 -0.97
CA GLY A 8 11.09 0.30 0.33
C GLY A 8 9.59 0.38 0.32
N VAL A 9 8.99 1.05 -0.68
CA VAL A 9 7.54 1.28 -0.71
C VAL A 9 6.85 0.26 -1.58
N ALA A 10 7.20 0.20 -2.89
CA ALA A 10 6.49 -0.65 -3.83
C ALA A 10 6.47 -2.12 -3.44
N LYS A 11 7.43 -2.65 -2.66
CA LYS A 11 7.44 -4.09 -2.39
C LYS A 11 6.08 -4.63 -2.00
N GLY A 12 5.28 -3.89 -1.19
CA GLY A 12 3.97 -4.39 -0.78
C GLY A 12 2.88 -3.58 -1.44
N VAL A 13 3.04 -3.23 -2.74
CA VAL A 13 2.03 -2.40 -3.39
C VAL A 13 0.74 -3.17 -3.54
N ALA A 14 0.78 -4.47 -3.92
CA ALA A 14 -0.47 -5.19 -4.19
C ALA A 14 -1.50 -4.93 -3.12
N LYS A 15 -1.12 -5.05 -1.82
CA LYS A 15 -2.08 -4.84 -0.75
C LYS A 15 -2.18 -3.37 -0.42
N ASP A 16 -1.05 -2.63 -0.31
CA ASP A 16 -1.14 -1.23 0.11
C ASP A 16 -1.99 -0.43 -0.85
N LEU A 17 -1.81 -0.57 -2.18
CA LEU A 17 -2.63 0.17 -3.14
C LEU A 17 -4.07 0.14 -2.71
N ALA A 18 -4.60 -1.09 -2.45
CA ALA A 18 -5.99 -1.22 -2.05
C ALA A 18 -6.22 -0.44 -0.77
N GLY A 19 -5.36 -0.63 0.26
CA GLY A 19 -5.54 0.11 1.51
C GLY A 19 -5.46 1.62 1.35
N LYS A 20 -4.84 2.15 0.26
CA LYS A 20 -4.74 3.62 0.10
C LYS A 20 -5.88 4.14 -0.74
N LEU A 21 -6.05 3.71 -2.00
CA LEU A 21 -7.13 4.26 -2.81
C LEU A 21 -8.45 3.94 -2.15
N LEU A 22 -8.61 2.70 -1.63
CA LEU A 22 -9.86 2.34 -0.95
C LEU A 22 -9.64 2.42 0.53
N GLU A 23 -9.01 3.50 1.03
CA GLU A 23 -8.84 3.63 2.49
C GLU A 23 -10.21 3.72 3.11
N THR A 24 -11.11 4.54 2.52
CA THR A 24 -12.46 4.70 3.06
C THR A 24 -13.14 3.38 3.43
N LEU A 25 -12.80 2.24 2.79
CA LEU A 25 -13.48 0.96 3.11
C LEU A 25 -12.52 -0.20 3.30
N LYS A 26 -11.52 -0.45 2.42
CA LYS A 26 -10.65 -1.60 2.65
C LYS A 26 -9.89 -1.40 3.94
N CYS A 27 -9.20 -0.26 4.11
CA CYS A 27 -8.40 -0.10 5.33
C CYS A 27 -9.24 -0.30 6.56
N LYS A 28 -10.53 0.11 6.56
CA LYS A 28 -11.37 -0.13 7.73
C LYS A 28 -11.59 -1.63 7.85
N ILE A 29 -11.93 -2.31 6.74
CA ILE A 29 -12.23 -3.74 6.82
C ILE A 29 -10.99 -4.49 7.26
N THR A 30 -9.91 -4.51 6.45
CA THR A 30 -8.72 -5.28 6.85
C THR A 30 -8.08 -4.71 8.09
N GLY A 31 -8.24 -3.40 8.38
CA GLY A 31 -7.55 -2.82 9.52
C GLY A 31 -6.12 -2.52 9.12
N CYS A 32 -5.93 -1.71 8.05
CA CYS A 32 -4.58 -1.42 7.57
C CYS A 32 -3.83 -0.63 8.62
#